data_5ZS0
#
_entry.id   5ZS0
#
_cell.length_a   128.907
_cell.length_b   128.907
_cell.length_c   194.914
_cell.angle_alpha   90.00
_cell.angle_beta   90.00
_cell.angle_gamma   120.00
#
_symmetry.space_group_name_H-M   'P 63 2 2'
#
loop_
_entity.id
_entity.type
_entity.pdbx_description
1 polymer '7B11 light chain'
2 polymer '7B11 heavy chain'
3 polymer 'Envelope glycoprotein B,Envelope glycoprotein B'
#
loop_
_entity_poly.entity_id
_entity_poly.type
_entity_poly.pdbx_seq_one_letter_code
_entity_poly.pdbx_strand_id
1 'polypeptide(L)'
;DIVVTQSPKFMSTSAGDRVSITCKARQDVGSAVNWYQQKPGQSPKLLIYRASTRHTGVPDRFTGSGSGTDFTLTISSVQS
EDVADYFCQQYGNYDLTFGAGTKLELKRADAAPTVSIFPPSSEQLTSGGASVVCFLNNFYPKDINVKWKIDGSERQNGVL
NSWTDQDSKDSTYSMSSTLTLTKDEYERHNSYTCEATHKTSTSPIVKSFNR
;
A
2 'polypeptide(L)'
;EVQLVESGGGLVKPGGSLKLSCAASGFTFNDYAMSWVRQSPEKRLEWVATISGGGSYSYYPDSVKGRFTISRDNAKNTLY
LQMSSLRSDDTAIYYCTRQEGDFPLFDYWGQGTILTVSSAKTTPPSVYPLAPGSAAQTNSMVTLGCLVKGYFPEPVTVTW
NSGSLSSGVHTFPAVLQSDLYTLSSSVTVTSSTWPSQSVTCNVAHPASSTKVDKKIVPR
;
B
3 'polypeptide(L)'
;TRAASASPAPGTGATPDGFSAEESLEEIDGAVSPGPSDAPDGEYGDLDARTAVRAAATERDRFYVCPPPSGSTVVRLEPE
QACPEYSGGSGNDMLSRIAAAWCELQNKDRTLWGEMSRLNPSAVATAALGQRVSARMLGDVMAISRCVEVRGGVYVQNSM
RVPGERGTCYSRPLVTFEHNGTGVIEGQLGDDNELLISRDLIEPCTGNHRRYFKLGGGYVYYEDYSYVRMVEVPETISTR
VTLNLTHHHHHHHH
;
C
#
# COMPACT_ATOMS: atom_id res chain seq x y z
N ASP A 1 10.21 -8.32 2.60
CA ASP A 1 9.13 -7.37 3.00
C ASP A 1 8.27 -7.93 4.12
N ILE A 2 7.70 -7.00 4.90
CA ILE A 2 6.77 -7.35 5.96
C ILE A 2 5.40 -7.62 5.33
N VAL A 3 5.21 -8.87 4.91
CA VAL A 3 3.96 -9.31 4.28
C VAL A 3 2.86 -9.20 5.33
N VAL A 4 1.76 -8.58 4.94
CA VAL A 4 0.64 -8.38 5.85
C VAL A 4 -0.60 -9.05 5.23
N THR A 5 -1.13 -10.04 5.96
CA THR A 5 -2.19 -10.92 5.49
C THR A 5 -3.51 -10.51 6.13
N GLN A 6 -4.41 -9.98 5.30
CA GLN A 6 -5.76 -9.65 5.72
C GLN A 6 -6.73 -10.71 5.20
N SER A 7 -6.94 -11.71 6.04
CA SER A 7 -8.10 -12.56 5.94
C SER A 7 -9.22 -11.93 6.79
N PRO A 8 -10.49 -12.01 6.38
CA PRO A 8 -10.96 -12.63 5.12
C PRO A 8 -11.35 -11.62 4.03
N LYS A 9 -11.62 -12.12 2.83
CA LYS A 9 -12.06 -11.29 1.72
C LYS A 9 -13.46 -10.77 2.00
N PHE A 10 -14.41 -11.69 2.17
CA PHE A 10 -15.82 -11.34 2.45
C PHE A 10 -16.04 -11.24 3.94
N MET A 11 -17.03 -10.42 4.33
CA MET A 11 -17.42 -10.25 5.73
C MET A 11 -18.83 -9.69 5.79
N SER A 12 -19.79 -10.51 6.25
CA SER A 12 -21.23 -10.17 6.21
C SER A 12 -21.86 -10.09 7.61
N THR A 13 -22.53 -8.97 7.90
CA THR A 13 -23.10 -8.68 9.24
C THR A 13 -24.56 -8.21 9.08
N SER A 14 -25.10 -7.51 10.08
CA SER A 14 -26.45 -6.93 10.01
C SER A 14 -26.48 -5.50 10.60
N ALA A 15 -27.64 -4.83 10.46
CA ALA A 15 -27.78 -3.41 10.86
C ALA A 15 -27.55 -3.19 12.36
N GLY A 16 -26.81 -2.13 12.71
CA GLY A 16 -26.51 -1.80 14.11
C GLY A 16 -25.67 -2.79 14.91
N ASP A 17 -25.03 -3.76 14.25
CA ASP A 17 -24.42 -4.95 14.93
C ASP A 17 -22.88 -4.87 15.07
N ARG A 18 -22.35 -5.85 15.80
CA ARG A 18 -20.91 -6.02 16.03
C ARG A 18 -20.17 -6.53 14.78
N VAL A 19 -18.99 -5.93 14.48
CA VAL A 19 -18.08 -6.43 13.42
C VAL A 19 -16.63 -6.20 13.77
N SER A 20 -15.76 -7.08 13.27
CA SER A 20 -14.33 -6.85 13.29
C SER A 20 -13.58 -7.55 12.15
N ILE A 21 -12.32 -7.19 11.96
CA ILE A 21 -11.48 -7.73 10.87
C ILE A 21 -10.05 -7.88 11.37
N THR A 22 -9.36 -8.89 10.82
CA THR A 22 -8.03 -9.27 11.27
C THR A 22 -6.93 -8.97 10.23
N CYS A 23 -5.82 -8.41 10.70
CA CYS A 23 -4.57 -8.27 9.92
C CYS A 23 -3.41 -8.86 10.69
N LYS A 24 -2.68 -9.77 10.02
CA LYS A 24 -1.52 -10.41 10.60
C LYS A 24 -0.26 -10.05 9.85
N ALA A 25 0.49 -9.10 10.40
CA ALA A 25 1.80 -8.76 9.89
C ALA A 25 2.72 -9.94 10.14
N ARG A 26 3.72 -10.13 9.28
CA ARG A 26 4.62 -11.28 9.44
C ARG A 26 5.77 -11.09 10.45
N GLN A 27 6.11 -9.85 10.78
CA GLN A 27 7.08 -9.54 11.85
C GLN A 27 6.42 -8.57 12.82
N ASP A 28 7.09 -8.24 13.93
CA ASP A 28 6.54 -7.25 14.88
C ASP A 28 6.49 -5.85 14.24
N VAL A 29 5.35 -5.18 14.39
CA VAL A 29 5.25 -3.74 14.13
C VAL A 29 4.99 -2.96 15.43
N GLY A 30 4.47 -3.61 16.46
CA GLY A 30 4.05 -2.91 17.68
C GLY A 30 2.92 -1.97 17.34
N SER A 31 2.83 -0.87 18.07
CA SER A 31 1.92 0.20 17.67
C SER A 31 2.54 0.84 16.43
N ALA A 32 2.02 0.47 15.25
CA ALA A 32 2.31 1.17 13.96
C ALA A 32 1.55 0.62 12.74
N VAL A 33 0.26 0.36 12.94
CA VAL A 33 -0.62 -0.21 11.89
C VAL A 33 -1.69 0.82 11.56
N ASN A 34 -2.24 0.69 10.35
CA ASN A 34 -3.22 1.61 9.88
C ASN A 34 -4.33 0.95 9.12
N TRP A 35 -5.53 1.52 9.26
CA TRP A 35 -6.73 1.01 8.58
C TRP A 35 -7.38 2.14 7.77
N TYR A 36 -7.66 1.89 6.49
CA TYR A 36 -8.38 2.84 5.63
C TYR A 36 -9.74 2.31 5.17
N GLN A 37 -10.68 3.23 4.89
CA GLN A 37 -12.01 2.91 4.35
C GLN A 37 -12.10 3.35 2.90
N GLN A 38 -12.73 2.52 2.06
CA GLN A 38 -13.02 2.87 0.67
C GLN A 38 -14.47 2.57 0.29
N LYS A 39 -15.34 3.58 0.46
CA LYS A 39 -16.75 3.48 0.08
C LYS A 39 -16.82 3.48 -1.44
N PRO A 40 -17.68 2.61 -2.03
CA PRO A 40 -17.66 2.32 -3.47
C PRO A 40 -17.69 3.56 -4.39
N GLY A 41 -16.67 3.70 -5.24
CA GLY A 41 -16.56 4.86 -6.15
C GLY A 41 -15.62 5.96 -5.70
N GLN A 42 -15.36 6.09 -4.39
CA GLN A 42 -14.41 7.08 -3.84
C GLN A 42 -12.99 6.49 -3.72
N SER A 43 -12.05 7.35 -3.36
CA SER A 43 -10.67 6.96 -3.01
C SER A 43 -10.65 6.39 -1.58
N PRO A 44 -9.47 5.96 -1.08
CA PRO A 44 -9.34 5.62 0.35
C PRO A 44 -9.46 6.83 1.30
N LYS A 45 -9.75 6.52 2.56
CA LYS A 45 -9.83 7.54 3.61
C LYS A 45 -9.23 6.96 4.91
N LEU A 46 -8.29 7.69 5.50
CA LEU A 46 -7.59 7.27 6.72
C LEU A 46 -8.60 7.17 7.86
N LEU A 47 -8.61 6.03 8.56
CA LEU A 47 -9.48 5.84 9.74
C LEU A 47 -8.75 5.86 11.07
N ILE A 48 -7.79 4.96 11.22
CA ILE A 48 -7.14 4.69 12.51
C ILE A 48 -5.65 4.52 12.27
N TYR A 49 -4.84 5.16 13.13
CA TYR A 49 -3.38 5.05 13.03
C TYR A 49 -2.68 4.69 14.36
N ARG A 50 -1.41 4.30 14.23
CA ARG A 50 -0.58 3.80 15.35
C ARG A 50 -1.22 2.55 16.01
N ALA A 51 -2.12 1.91 15.26
CA ALA A 51 -3.18 1.03 15.77
C ALA A 51 -4.12 1.77 16.74
N SER A 52 -5.39 1.43 16.67
CA SER A 52 -6.36 1.80 17.71
C SER A 52 -6.55 3.28 18.17
N THR A 53 -6.01 4.26 17.45
CA THR A 53 -6.29 5.69 17.74
C THR A 53 -6.79 6.40 16.48
N ARG A 54 -7.94 7.05 16.58
CA ARG A 54 -8.69 7.57 15.40
C ARG A 54 -8.08 8.80 14.71
N HIS A 55 -8.52 9.06 13.48
CA HIS A 55 -8.18 10.28 12.71
C HIS A 55 -9.25 11.34 12.96
N THR A 56 -8.84 12.61 12.93
CA THR A 56 -9.70 13.76 13.25
C THR A 56 -10.89 13.87 12.26
N GLY A 57 -11.97 13.18 12.59
CA GLY A 57 -13.14 13.06 11.70
C GLY A 57 -13.98 11.81 11.88
N VAL A 58 -13.35 10.72 12.31
CA VAL A 58 -13.99 9.41 12.28
C VAL A 58 -14.97 9.21 13.47
N PRO A 59 -16.22 8.79 13.18
CA PRO A 59 -17.16 8.38 14.24
C PRO A 59 -16.59 7.35 15.23
N ASP A 60 -17.18 7.26 16.42
CA ASP A 60 -16.55 6.54 17.53
C ASP A 60 -17.10 5.12 17.79
N ARG A 61 -17.93 4.63 16.88
CA ARG A 61 -18.18 3.19 16.75
C ARG A 61 -16.95 2.42 16.23
N PHE A 62 -16.08 3.11 15.48
CA PHE A 62 -14.82 2.53 14.95
C PHE A 62 -13.75 2.40 16.04
N THR A 63 -13.24 1.19 16.25
CA THR A 63 -12.15 0.95 17.20
C THR A 63 -11.16 -0.14 16.72
N GLY A 64 -9.91 0.28 16.48
CA GLY A 64 -8.81 -0.64 16.20
C GLY A 64 -8.26 -1.19 17.50
N SER A 65 -7.24 -2.05 17.40
CA SER A 65 -6.72 -2.72 18.59
C SER A 65 -5.44 -3.49 18.34
N GLY A 66 -4.88 -3.96 19.45
CA GLY A 66 -3.81 -4.93 19.46
C GLY A 66 -2.49 -4.30 19.11
N SER A 67 -1.45 -5.13 19.10
CA SER A 67 -0.16 -4.77 18.54
C SER A 67 0.72 -6.01 18.47
N GLY A 68 1.87 -5.86 17.83
CA GLY A 68 2.83 -6.94 17.63
C GLY A 68 2.66 -7.48 16.23
N THR A 69 1.91 -8.58 16.10
CA THR A 69 1.49 -9.12 14.80
C THR A 69 -0.03 -9.12 14.58
N ASP A 70 -0.83 -9.01 15.66
CA ASP A 70 -2.27 -9.32 15.64
C ASP A 70 -3.15 -8.08 15.85
N PHE A 71 -3.54 -7.47 14.74
CA PHE A 71 -4.24 -6.18 14.75
C PHE A 71 -5.62 -6.38 14.20
N THR A 72 -6.59 -5.68 14.78
CA THR A 72 -7.96 -5.92 14.44
C THR A 72 -8.78 -4.67 14.57
N LEU A 73 -9.42 -4.28 13.46
CA LEU A 73 -10.42 -3.22 13.48
C LEU A 73 -11.70 -3.82 14.01
N THR A 74 -12.52 -3.02 14.70
CA THR A 74 -13.87 -3.41 15.06
C THR A 74 -14.82 -2.20 14.95
N ILE A 75 -16.06 -2.45 14.55
CA ILE A 75 -17.07 -1.39 14.45
C ILE A 75 -18.25 -1.76 15.34
N SER A 76 -18.57 -0.88 16.29
CA SER A 76 -19.56 -1.19 17.34
C SER A 76 -20.94 -1.46 16.75
N SER A 77 -21.63 -0.41 16.31
CA SER A 77 -22.99 -0.51 15.76
C SER A 77 -23.06 0.02 14.31
N VAL A 78 -23.13 -0.91 13.35
CA VAL A 78 -23.10 -0.61 11.90
C VAL A 78 -24.25 0.30 11.45
N GLN A 79 -24.00 1.10 10.41
CA GLN A 79 -25.02 1.95 9.76
C GLN A 79 -25.04 1.67 8.24
N SER A 80 -25.68 2.54 7.46
CA SER A 80 -25.72 2.37 5.99
C SER A 80 -24.33 2.59 5.37
N GLU A 81 -23.79 3.80 5.56
CA GLU A 81 -22.48 4.23 5.00
C GLU A 81 -21.28 3.35 5.35
N ASP A 82 -21.33 2.70 6.52
CA ASP A 82 -20.23 1.85 6.98
C ASP A 82 -19.93 0.66 6.09
N VAL A 83 -20.81 0.32 5.14
CA VAL A 83 -20.46 -0.68 4.14
C VAL A 83 -19.47 -0.05 3.19
N ALA A 84 -18.37 -0.77 2.95
CA ALA A 84 -17.25 -0.30 2.18
C ALA A 84 -16.25 -1.43 2.01
N ASP A 85 -15.13 -1.12 1.37
CA ASP A 85 -13.94 -1.97 1.44
C ASP A 85 -13.02 -1.44 2.53
N TYR A 86 -12.38 -2.36 3.26
CA TYR A 86 -11.59 -2.03 4.45
C TYR A 86 -10.19 -2.60 4.37
N PHE A 87 -9.20 -1.70 4.40
CA PHE A 87 -7.80 -2.02 4.07
C PHE A 87 -6.87 -1.67 5.22
N CYS A 88 -5.96 -2.58 5.55
CA CYS A 88 -4.95 -2.35 6.58
C CYS A 88 -3.58 -2.14 5.88
N GLN A 89 -2.77 -1.19 6.34
CA GLN A 89 -1.32 -1.12 5.99
C GLN A 89 -0.52 -1.07 7.26
N GLN A 90 0.77 -1.36 7.12
CA GLN A 90 1.74 -1.29 8.20
C GLN A 90 2.82 -0.26 7.84
N TYR A 91 3.48 0.28 8.84
CA TYR A 91 4.57 1.19 8.54
C TYR A 91 5.71 1.11 9.54
N GLY A 92 6.07 -0.14 9.86
CA GLY A 92 7.34 -0.44 10.51
C GLY A 92 8.50 -0.57 9.54
N ASN A 93 8.20 -0.77 8.25
CA ASN A 93 9.21 -1.09 7.25
C ASN A 93 8.88 -0.52 5.90
N TYR A 94 9.84 0.19 5.30
CA TYR A 94 9.88 0.28 3.86
C TYR A 94 10.45 -1.11 3.53
N ASP A 95 9.91 -1.88 2.57
CA ASP A 95 8.90 -1.42 1.61
C ASP A 95 7.54 -1.48 2.27
N LEU A 96 6.74 -0.44 2.00
CA LEU A 96 5.39 -0.29 2.56
C LEU A 96 4.40 -1.25 1.94
N THR A 97 3.54 -1.82 2.79
CA THR A 97 2.63 -2.84 2.35
C THR A 97 1.26 -2.69 2.96
N PHE A 98 0.27 -3.11 2.18
CA PHE A 98 -1.12 -3.14 2.62
C PHE A 98 -1.63 -4.56 2.57
N GLY A 99 -2.69 -4.79 3.32
CA GLY A 99 -3.43 -6.04 3.31
C GLY A 99 -4.23 -6.20 2.04
N ALA A 100 -4.77 -7.39 1.87
CA ALA A 100 -5.52 -7.73 0.67
C ALA A 100 -6.86 -7.02 0.60
N GLY A 101 -7.41 -6.62 1.75
CA GLY A 101 -8.68 -5.92 1.82
C GLY A 101 -9.80 -6.81 2.27
N THR A 102 -10.83 -6.19 2.85
CA THR A 102 -12.00 -6.91 3.36
C THR A 102 -13.27 -6.12 3.04
N LYS A 103 -14.24 -6.84 2.46
CA LYS A 103 -15.46 -6.25 1.93
C LYS A 103 -16.58 -6.43 2.96
N LEU A 104 -17.27 -5.34 3.33
CA LEU A 104 -18.44 -5.42 4.23
C LEU A 104 -19.76 -5.73 3.51
N GLU A 105 -20.81 -6.05 4.29
CA GLU A 105 -22.10 -6.48 3.74
C GLU A 105 -23.20 -6.53 4.81
N LEU A 106 -24.28 -5.75 4.63
CA LEU A 106 -25.44 -5.74 5.56
C LEU A 106 -26.35 -6.99 5.39
N LYS A 107 -27.44 -7.03 6.15
CA LYS A 107 -28.35 -8.17 6.07
C LYS A 107 -29.82 -7.79 6.25
N ARG A 108 -30.43 -7.29 5.18
CA ARG A 108 -31.83 -6.88 5.22
C ARG A 108 -32.43 -6.78 3.82
N ALA A 109 -33.19 -7.79 3.39
CA ALA A 109 -33.15 -9.13 3.98
C ALA A 109 -33.37 -10.16 2.87
N ASP A 110 -32.28 -10.69 2.33
CA ASP A 110 -32.32 -11.67 1.24
C ASP A 110 -33.23 -11.20 0.10
N ALA A 111 -34.11 -12.06 -0.37
CA ALA A 111 -35.04 -11.65 -1.46
C ALA A 111 -34.84 -12.50 -2.74
N ALA A 112 -35.71 -12.30 -3.74
CA ALA A 112 -35.71 -13.07 -5.01
C ALA A 112 -35.31 -12.24 -6.25
N PRO A 113 -34.40 -12.77 -7.09
CA PRO A 113 -33.96 -12.05 -8.28
C PRO A 113 -35.03 -11.94 -9.39
N THR A 114 -35.32 -10.72 -9.82
CA THR A 114 -36.31 -10.49 -10.87
C THR A 114 -35.62 -10.68 -12.25
N VAL A 115 -35.61 -11.93 -12.71
CA VAL A 115 -34.85 -12.36 -13.87
C VAL A 115 -35.59 -12.12 -15.19
N SER A 116 -35.12 -11.15 -15.99
CA SER A 116 -35.62 -10.97 -17.37
C SER A 116 -34.50 -11.16 -18.41
N ILE A 117 -34.84 -11.85 -19.49
CA ILE A 117 -33.93 -12.21 -20.57
C ILE A 117 -34.13 -11.18 -21.70
N PHE A 118 -33.16 -11.07 -22.61
CA PHE A 118 -33.29 -10.15 -23.75
C PHE A 118 -32.74 -10.76 -25.04
N PRO A 119 -33.23 -10.26 -26.21
CA PRO A 119 -32.74 -10.75 -27.48
C PRO A 119 -31.56 -9.95 -28.06
N PRO A 120 -30.83 -10.55 -29.02
CA PRO A 120 -29.87 -9.75 -29.76
C PRO A 120 -30.60 -8.65 -30.51
N SER A 121 -30.09 -7.42 -30.44
CA SER A 121 -30.80 -6.26 -30.99
C SER A 121 -30.78 -6.23 -32.53
N SER A 122 -31.86 -5.68 -33.09
CA SER A 122 -32.07 -5.57 -34.54
C SER A 122 -30.78 -5.29 -35.35
N GLU A 123 -30.13 -4.17 -35.00
CA GLU A 123 -28.90 -3.71 -35.67
C GLU A 123 -27.65 -4.54 -35.32
N GLN A 124 -27.64 -5.16 -34.15
CA GLN A 124 -26.52 -5.98 -33.70
C GLN A 124 -26.24 -7.14 -34.66
N LEU A 125 -27.29 -7.72 -35.21
CA LEU A 125 -27.11 -8.82 -36.18
C LEU A 125 -26.47 -8.30 -37.46
N THR A 126 -26.95 -7.14 -37.91
CA THR A 126 -26.48 -6.50 -39.13
C THR A 126 -24.97 -6.23 -39.13
N SER A 127 -24.41 -5.87 -37.98
CA SER A 127 -22.95 -5.75 -37.82
C SER A 127 -22.26 -7.13 -37.82
N GLY A 128 -22.93 -8.16 -37.30
CA GLY A 128 -22.53 -9.56 -37.50
C GLY A 128 -22.30 -10.45 -36.28
N GLY A 129 -23.15 -10.35 -35.27
CA GLY A 129 -23.00 -11.18 -34.07
C GLY A 129 -24.15 -10.97 -33.09
N ALA A 130 -24.27 -11.88 -32.13
CA ALA A 130 -25.46 -11.93 -31.27
C ALA A 130 -25.11 -12.09 -29.80
N SER A 131 -25.79 -11.30 -28.96
CA SER A 131 -25.55 -11.28 -27.52
C SER A 131 -26.87 -11.21 -26.74
N VAL A 132 -27.04 -12.19 -25.85
CA VAL A 132 -28.25 -12.38 -25.07
C VAL A 132 -27.99 -11.90 -23.66
N VAL A 133 -28.86 -11.01 -23.16
CA VAL A 133 -28.69 -10.39 -21.84
C VAL A 133 -29.66 -10.99 -20.83
N CYS A 134 -29.16 -11.40 -19.67
CA CYS A 134 -30.03 -11.84 -18.58
C CYS A 134 -29.66 -11.07 -17.34
N PHE A 135 -30.59 -10.22 -16.87
CA PHE A 135 -30.41 -9.48 -15.63
C PHE A 135 -31.08 -10.17 -14.49
N LEU A 136 -30.58 -9.88 -13.31
CA LEU A 136 -31.03 -10.49 -12.10
C LEU A 136 -30.90 -9.42 -11.04
N ASN A 137 -31.94 -8.59 -10.96
CA ASN A 137 -31.92 -7.43 -10.09
C ASN A 137 -32.58 -7.75 -8.75
N ASN A 138 -32.08 -7.10 -7.69
CA ASN A 138 -32.70 -7.14 -6.37
C ASN A 138 -32.79 -8.56 -5.82
N PHE A 139 -31.64 -9.11 -5.42
CA PHE A 139 -31.60 -10.40 -4.72
C PHE A 139 -30.54 -10.42 -3.63
N TYR A 140 -30.66 -11.40 -2.74
CA TYR A 140 -29.78 -11.57 -1.60
C TYR A 140 -29.74 -13.05 -1.23
N PRO A 141 -28.60 -13.62 -0.85
CA PRO A 141 -27.26 -12.98 -0.80
C PRO A 141 -26.59 -12.87 -2.18
N LYS A 142 -25.31 -12.45 -2.21
CA LYS A 142 -24.55 -12.33 -3.47
C LYS A 142 -24.46 -13.65 -4.26
N ASP A 143 -24.42 -14.76 -3.54
CA ASP A 143 -24.14 -16.05 -4.16
C ASP A 143 -25.32 -16.51 -5.01
N ILE A 144 -25.02 -16.90 -6.24
CA ILE A 144 -26.02 -17.29 -7.24
C ILE A 144 -25.31 -18.02 -8.38
N ASN A 145 -26.03 -18.80 -9.17
CA ASN A 145 -25.39 -19.62 -10.20
C ASN A 145 -26.22 -19.68 -11.48
N VAL A 146 -25.98 -18.70 -12.35
CA VAL A 146 -26.67 -18.60 -13.63
C VAL A 146 -25.98 -19.53 -14.65
N LYS A 147 -26.81 -20.27 -15.39
CA LYS A 147 -26.36 -21.24 -16.40
C LYS A 147 -27.24 -21.09 -17.64
N TRP A 148 -26.61 -20.99 -18.82
CA TRP A 148 -27.35 -20.78 -20.07
C TRP A 148 -27.77 -22.13 -20.66
N LYS A 149 -28.74 -22.09 -21.57
CA LYS A 149 -29.17 -23.27 -22.34
C LYS A 149 -29.61 -22.85 -23.75
N ILE A 150 -28.98 -23.47 -24.76
CA ILE A 150 -29.31 -23.28 -26.18
C ILE A 150 -30.08 -24.50 -26.67
N ASP A 151 -31.41 -24.37 -26.73
CA ASP A 151 -32.33 -25.48 -27.05
C ASP A 151 -32.19 -26.60 -26.02
N GLY A 152 -32.19 -26.21 -24.74
CA GLY A 152 -32.00 -27.14 -23.63
C GLY A 152 -30.62 -27.77 -23.49
N SER A 153 -29.59 -27.15 -24.06
CA SER A 153 -28.21 -27.67 -24.07
C SER A 153 -27.31 -26.63 -23.37
N GLU A 154 -26.61 -27.03 -22.31
CA GLU A 154 -25.92 -26.04 -21.46
C GLU A 154 -24.72 -25.38 -22.17
N ARG A 155 -24.49 -24.10 -21.84
CA ARG A 155 -23.37 -23.32 -22.37
C ARG A 155 -22.69 -22.52 -21.25
N GLN A 156 -21.37 -22.71 -21.11
CA GLN A 156 -20.49 -21.90 -20.23
C GLN A 156 -19.34 -21.18 -21.01
N ASN A 157 -18.90 -21.78 -22.12
CA ASN A 157 -18.14 -21.11 -23.18
C ASN A 157 -18.77 -19.75 -23.64
N GLY A 158 -18.00 -18.66 -23.55
CA GLY A 158 -18.37 -17.36 -24.17
C GLY A 158 -19.31 -16.46 -23.37
N VAL A 159 -19.20 -16.53 -22.05
CA VAL A 159 -20.12 -15.86 -21.15
C VAL A 159 -19.37 -14.87 -20.28
N LEU A 160 -19.93 -13.67 -20.15
CA LEU A 160 -19.37 -12.60 -19.31
C LEU A 160 -20.40 -12.13 -18.27
N ASN A 161 -20.18 -12.50 -17.02
CA ASN A 161 -21.01 -12.02 -15.91
C ASN A 161 -20.48 -10.71 -15.36
N SER A 162 -21.31 -10.00 -14.62
CA SER A 162 -20.89 -8.76 -13.96
C SER A 162 -21.82 -8.44 -12.80
N TRP A 163 -21.31 -8.62 -11.58
CA TRP A 163 -22.12 -8.44 -10.39
C TRP A 163 -22.07 -6.97 -10.06
N THR A 164 -23.19 -6.37 -9.65
CA THR A 164 -23.14 -5.01 -9.09
C THR A 164 -22.61 -5.05 -7.65
N ASP A 165 -22.28 -3.85 -7.19
CA ASP A 165 -22.02 -3.58 -5.79
C ASP A 165 -23.35 -3.63 -5.05
N GLN A 166 -23.30 -3.91 -3.75
CA GLN A 166 -24.49 -3.94 -2.92
C GLN A 166 -25.17 -2.54 -2.84
N ASP A 167 -26.49 -2.52 -3.07
CA ASP A 167 -27.27 -1.28 -3.12
C ASP A 167 -27.13 -0.47 -1.80
N SER A 168 -27.30 0.85 -1.90
CA SER A 168 -27.23 1.74 -0.74
C SER A 168 -28.61 2.07 -0.16
N LYS A 169 -29.67 2.02 -0.98
CA LYS A 169 -31.06 2.12 -0.49
C LYS A 169 -31.43 0.89 0.36
N ASP A 170 -31.33 -0.27 -0.28
CA ASP A 170 -31.95 -1.51 0.21
C ASP A 170 -30.99 -2.65 0.57
N SER A 171 -29.73 -2.57 0.13
CA SER A 171 -28.73 -3.63 0.33
C SER A 171 -28.97 -4.95 -0.43
N THR A 172 -29.42 -4.87 -1.70
CA THR A 172 -29.51 -6.06 -2.56
C THR A 172 -28.51 -6.04 -3.71
N TYR A 173 -27.88 -7.19 -3.94
CA TYR A 173 -27.00 -7.40 -5.06
C TYR A 173 -27.83 -7.63 -6.31
N SER A 174 -27.26 -7.26 -7.46
CA SER A 174 -27.76 -7.63 -8.79
C SER A 174 -26.62 -8.25 -9.59
N MET A 175 -26.94 -8.76 -10.78
CA MET A 175 -25.91 -9.19 -11.73
C MET A 175 -26.45 -9.34 -13.13
N SER A 176 -25.54 -9.21 -14.10
CA SER A 176 -25.83 -9.31 -15.52
C SER A 176 -25.08 -10.49 -16.09
N SER A 177 -25.47 -10.90 -17.29
CA SER A 177 -24.88 -12.05 -17.95
C SER A 177 -25.11 -11.98 -19.47
N THR A 178 -24.05 -12.24 -20.23
CA THR A 178 -23.99 -11.96 -21.66
C THR A 178 -23.47 -13.16 -22.45
N LEU A 179 -24.36 -13.81 -23.18
CA LEU A 179 -23.97 -14.94 -23.99
C LEU A 179 -23.66 -14.47 -25.41
N THR A 180 -22.42 -14.06 -25.62
CA THR A 180 -21.96 -13.61 -26.92
C THR A 180 -21.65 -14.81 -27.78
N LEU A 181 -22.30 -14.85 -28.94
CA LEU A 181 -22.07 -15.89 -29.96
C LEU A 181 -22.30 -15.29 -31.35
N THR A 182 -21.87 -16.02 -32.36
CA THR A 182 -21.81 -15.47 -33.74
C THR A 182 -23.24 -15.23 -34.30
N LYS A 183 -23.36 -14.66 -35.50
CA LYS A 183 -24.67 -14.57 -36.15
C LYS A 183 -25.11 -15.95 -36.64
N ASP A 184 -24.24 -16.63 -37.38
CA ASP A 184 -24.52 -17.96 -37.92
C ASP A 184 -24.69 -19.06 -36.84
N GLU A 185 -24.03 -18.90 -35.70
CA GLU A 185 -24.27 -19.73 -34.51
C GLU A 185 -25.66 -19.46 -33.91
N TYR A 186 -26.14 -18.22 -34.00
CA TYR A 186 -27.46 -17.83 -33.50
C TYR A 186 -28.57 -18.33 -34.39
N GLU A 187 -28.35 -18.23 -35.71
CA GLU A 187 -29.31 -18.61 -36.74
C GLU A 187 -29.71 -20.09 -36.62
N ARG A 188 -28.73 -20.93 -36.28
CA ARG A 188 -28.90 -22.39 -36.27
C ARG A 188 -29.44 -22.99 -34.94
N HIS A 189 -30.10 -22.18 -34.12
CA HIS A 189 -30.82 -22.63 -32.91
C HIS A 189 -32.05 -21.75 -32.69
N ASN A 190 -32.88 -22.12 -31.71
CA ASN A 190 -34.29 -21.67 -31.62
C ASN A 190 -34.74 -21.16 -30.24
N SER A 191 -34.62 -22.01 -29.21
CA SER A 191 -35.06 -21.68 -27.85
C SER A 191 -33.85 -21.44 -26.94
N TYR A 192 -33.72 -20.19 -26.48
CA TYR A 192 -32.58 -19.73 -25.72
C TYR A 192 -33.04 -19.38 -24.30
N THR A 193 -32.44 -20.01 -23.28
CA THR A 193 -32.86 -19.83 -21.87
C THR A 193 -31.72 -19.71 -20.83
N CYS A 194 -31.93 -18.82 -19.87
CA CYS A 194 -30.97 -18.51 -18.81
C CYS A 194 -31.57 -19.02 -17.49
N GLU A 195 -30.83 -19.88 -16.78
CA GLU A 195 -31.32 -20.63 -15.59
C GLU A 195 -30.65 -20.27 -14.27
N ALA A 196 -31.32 -19.47 -13.46
CA ALA A 196 -30.80 -19.10 -12.12
C ALA A 196 -30.77 -20.30 -11.16
N THR A 197 -30.14 -20.11 -10.00
CA THR A 197 -30.00 -21.18 -9.00
C THR A 197 -29.59 -20.55 -7.68
N HIS A 198 -30.51 -19.78 -7.13
CA HIS A 198 -30.29 -19.02 -5.89
C HIS A 198 -30.83 -19.78 -4.67
N LYS A 199 -30.23 -19.48 -3.51
CA LYS A 199 -30.72 -19.90 -2.17
C LYS A 199 -32.22 -19.71 -1.99
N THR A 200 -32.71 -18.54 -2.43
CA THR A 200 -34.11 -18.14 -2.31
C THR A 200 -35.10 -19.16 -2.89
N SER A 201 -34.68 -19.85 -3.94
CA SER A 201 -35.55 -20.78 -4.65
C SER A 201 -35.29 -22.22 -4.23
N THR A 202 -36.34 -23.03 -4.26
CA THR A 202 -36.20 -24.49 -4.30
C THR A 202 -35.68 -24.90 -5.69
N SER A 203 -36.31 -24.34 -6.73
CA SER A 203 -36.14 -24.75 -8.12
C SER A 203 -35.35 -23.69 -8.90
N PRO A 204 -34.69 -24.08 -10.01
CA PRO A 204 -34.06 -23.03 -10.83
C PRO A 204 -35.10 -22.06 -11.41
N ILE A 205 -35.07 -20.79 -11.00
CA ILE A 205 -35.95 -19.74 -11.60
C ILE A 205 -35.44 -19.36 -13.02
N VAL A 206 -36.36 -19.25 -13.97
CA VAL A 206 -36.07 -19.33 -15.40
C VAL A 206 -36.87 -18.34 -16.25
N LYS A 207 -36.22 -17.82 -17.28
CA LYS A 207 -36.87 -17.12 -18.36
C LYS A 207 -36.30 -17.66 -19.68
N SER A 208 -37.12 -17.64 -20.72
CA SER A 208 -36.72 -18.12 -22.05
C SER A 208 -37.41 -17.37 -23.20
N PHE A 209 -36.92 -17.60 -24.42
CA PHE A 209 -37.56 -17.12 -25.64
C PHE A 209 -37.17 -17.91 -26.90
N ASN A 210 -38.04 -17.83 -27.91
CA ASN A 210 -37.92 -18.59 -29.18
C ASN A 210 -37.41 -17.71 -30.34
N ARG A 211 -37.18 -18.33 -31.50
CA ARG A 211 -36.70 -17.68 -32.75
C ARG A 211 -35.25 -17.19 -32.65
N GLU B 1 -9.69 23.90 3.20
CA GLU B 1 -9.63 22.42 3.19
C GLU B 1 -8.38 21.92 2.47
N VAL B 2 -7.78 20.86 2.99
CA VAL B 2 -6.62 20.18 2.37
C VAL B 2 -7.14 19.41 1.17
N GLN B 3 -6.76 19.85 -0.03
CA GLN B 3 -7.27 19.23 -1.25
C GLN B 3 -6.24 19.07 -2.35
N LEU B 4 -6.62 18.20 -3.27
CA LEU B 4 -5.73 17.22 -3.79
C LEU B 4 -6.24 16.69 -5.15
N VAL B 5 -5.62 17.19 -6.22
CA VAL B 5 -5.97 16.86 -7.60
C VAL B 5 -4.74 16.36 -8.35
N GLU B 6 -4.94 15.36 -9.20
CA GLU B 6 -3.85 14.74 -9.94
C GLU B 6 -4.29 14.29 -11.32
N SER B 7 -3.32 14.19 -12.23
CA SER B 7 -3.56 13.99 -13.66
C SER B 7 -2.32 13.52 -14.41
N GLY B 8 -2.54 12.98 -15.62
CA GLY B 8 -1.48 12.39 -16.46
C GLY B 8 -1.88 11.15 -17.23
N GLY B 9 -2.68 10.30 -16.60
CA GLY B 9 -3.15 9.05 -17.17
C GLY B 9 -3.99 9.05 -18.42
N GLY B 10 -4.11 7.83 -18.96
CA GLY B 10 -4.58 7.53 -20.32
C GLY B 10 -4.06 6.16 -20.75
N LEU B 11 -3.99 5.92 -22.05
CA LEU B 11 -3.57 4.64 -22.62
C LEU B 11 -2.10 4.76 -22.97
N VAL B 12 -1.28 3.75 -22.68
CA VAL B 12 0.10 3.75 -23.16
C VAL B 12 0.68 2.40 -23.61
N LYS B 13 1.32 2.40 -24.78
CA LYS B 13 1.97 1.18 -25.32
C LYS B 13 2.97 0.64 -24.29
N PRO B 14 3.05 -0.69 -24.11
CA PRO B 14 4.12 -1.24 -23.30
C PRO B 14 5.48 -0.74 -23.73
N GLY B 15 6.39 -0.70 -22.77
CA GLY B 15 7.68 -0.03 -22.91
C GLY B 15 7.62 1.50 -23.01
N GLY B 16 6.43 2.09 -22.84
CA GLY B 16 6.25 3.52 -23.06
C GLY B 16 6.75 4.36 -21.90
N SER B 17 6.43 5.64 -21.92
CA SER B 17 6.82 6.58 -20.86
C SER B 17 5.67 7.50 -20.53
N LEU B 18 5.49 7.85 -19.26
CA LEU B 18 4.44 8.78 -18.88
C LEU B 18 4.75 9.52 -17.56
N LYS B 19 4.53 10.83 -17.58
CA LYS B 19 4.67 11.70 -16.41
C LYS B 19 3.30 12.09 -15.83
N LEU B 20 3.07 11.71 -14.58
CA LEU B 20 1.89 12.13 -13.83
C LEU B 20 2.19 13.43 -13.09
N SER B 21 1.15 14.12 -12.64
CA SER B 21 1.31 15.35 -11.87
C SER B 21 0.13 15.49 -10.91
N CYS B 22 0.25 16.43 -9.97
CA CYS B 22 -0.57 16.44 -8.74
C CYS B 22 -0.58 17.82 -8.05
N ALA B 23 -1.71 18.53 -8.13
CA ALA B 23 -1.82 19.91 -7.61
C ALA B 23 -2.27 19.98 -6.13
N ALA B 24 -1.35 20.40 -5.25
CA ALA B 24 -1.57 20.39 -3.79
C ALA B 24 -2.00 21.75 -3.27
N SER B 25 -3.20 21.80 -2.68
CA SER B 25 -3.73 23.03 -2.06
C SER B 25 -4.14 22.81 -0.60
N GLY B 26 -4.28 23.92 0.10
CA GLY B 26 -4.88 23.96 1.45
C GLY B 26 -4.00 23.53 2.60
N PHE B 27 -2.70 23.44 2.36
CA PHE B 27 -1.74 23.13 3.42
C PHE B 27 -0.36 23.56 2.98
N THR B 28 0.49 23.74 3.98
CA THR B 28 1.81 24.30 3.77
C THR B 28 2.67 23.18 3.18
N PHE B 29 2.96 23.29 1.88
CA PHE B 29 3.31 22.14 1.05
C PHE B 29 4.49 21.31 1.54
N ASN B 30 5.67 21.93 1.60
CA ASN B 30 6.91 21.23 1.97
C ASN B 30 7.01 20.72 3.42
N ASP B 31 6.12 21.15 4.30
CA ASP B 31 6.03 20.58 5.65
C ASP B 31 5.82 19.08 5.64
N TYR B 32 5.11 18.57 4.62
CA TYR B 32 4.81 17.13 4.51
C TYR B 32 5.53 16.40 3.34
N ALA B 33 5.71 15.10 3.52
CA ALA B 33 6.29 14.20 2.50
C ALA B 33 5.16 13.62 1.71
N MET B 34 5.37 13.60 0.40
CA MET B 34 4.38 13.21 -0.56
C MET B 34 4.66 11.83 -1.09
N SER B 35 3.59 11.22 -1.56
CA SER B 35 3.62 9.83 -1.94
C SER B 35 2.70 9.54 -3.13
N TRP B 36 2.85 8.32 -3.64
CA TRP B 36 2.12 7.84 -4.81
C TRP B 36 1.75 6.39 -4.57
N VAL B 37 0.46 6.10 -4.62
CA VAL B 37 -0.07 4.77 -4.27
C VAL B 37 -1.06 4.34 -5.32
N ARG B 38 -0.94 3.08 -5.77
CA ARG B 38 -1.64 2.62 -6.97
C ARG B 38 -2.58 1.45 -6.70
N GLN B 39 -3.85 1.61 -7.04
CA GLN B 39 -4.82 0.53 -6.86
C GLN B 39 -4.91 -0.27 -8.15
N SER B 40 -4.69 -1.60 -8.04
CA SER B 40 -4.69 -2.56 -9.16
C SER B 40 -6.03 -2.50 -9.87
N PRO B 41 -6.26 -3.40 -10.87
CA PRO B 41 -7.62 -3.37 -11.43
C PRO B 41 -8.73 -3.75 -10.42
N GLU B 42 -8.39 -3.91 -9.13
CA GLU B 42 -9.34 -4.33 -8.11
C GLU B 42 -9.01 -3.81 -6.70
N LYS B 43 -7.80 -4.08 -6.22
CA LYS B 43 -7.45 -3.94 -4.82
C LYS B 43 -5.93 -3.79 -4.70
N ARG B 44 -5.35 -4.24 -3.58
CA ARG B 44 -3.90 -4.41 -3.39
C ARG B 44 -3.15 -3.14 -2.98
N LEU B 45 -3.67 -1.96 -3.35
CA LEU B 45 -2.95 -0.69 -3.28
C LEU B 45 -1.45 -0.89 -3.13
N GLU B 46 -0.75 -0.97 -4.23
CA GLU B 46 0.69 -1.01 -4.17
C GLU B 46 1.21 0.40 -3.84
N TRP B 47 2.08 0.49 -2.85
CA TRP B 47 2.81 1.73 -2.58
C TRP B 47 3.83 1.85 -3.73
N VAL B 48 3.84 3.02 -4.40
CA VAL B 48 4.70 3.24 -5.57
C VAL B 48 5.96 4.02 -5.24
N ALA B 49 5.76 5.23 -4.69
CA ALA B 49 6.87 6.12 -4.35
C ALA B 49 6.50 7.17 -3.31
N THR B 50 7.51 7.59 -2.55
CA THR B 50 7.38 8.52 -1.46
C THR B 50 8.58 9.42 -1.50
N ILE B 51 8.37 10.72 -1.64
CA ILE B 51 9.47 11.68 -1.63
C ILE B 51 9.40 12.47 -0.34
N SER B 52 10.55 12.97 0.11
CA SER B 52 10.68 13.82 1.30
C SER B 52 10.19 15.27 1.08
N GLY B 53 9.64 15.86 2.15
CA GLY B 53 9.14 17.23 2.17
C GLY B 53 9.97 18.33 1.50
N GLY B 54 11.28 18.24 1.63
CA GLY B 54 12.17 19.24 1.05
C GLY B 54 12.38 18.96 -0.42
N GLY B 55 12.63 17.69 -0.74
CA GLY B 55 13.00 17.29 -2.09
C GLY B 55 14.08 16.22 -2.08
N SER B 56 15.09 16.40 -1.23
CA SER B 56 16.35 15.61 -1.27
C SER B 56 16.25 14.09 -1.34
N TYR B 57 15.28 13.50 -0.65
CA TYR B 57 15.23 12.07 -0.54
C TYR B 57 13.95 11.47 -1.06
N SER B 58 14.06 10.26 -1.57
CA SER B 58 12.88 9.49 -1.95
C SER B 58 13.19 7.99 -2.01
N TYR B 59 12.11 7.21 -1.95
CA TYR B 59 12.17 5.77 -1.66
C TYR B 59 11.14 4.96 -2.48
N TYR B 60 11.52 3.71 -2.76
CA TYR B 60 10.84 2.88 -3.75
C TYR B 60 10.74 1.42 -3.36
N PRO B 61 9.67 0.72 -3.81
CA PRO B 61 9.75 -0.73 -3.86
C PRO B 61 10.68 -1.19 -4.99
N ASP B 62 11.36 -2.30 -4.78
CA ASP B 62 12.21 -2.89 -5.83
C ASP B 62 11.44 -3.10 -7.16
N SER B 63 10.14 -3.42 -7.07
CA SER B 63 9.29 -3.60 -8.25
C SER B 63 9.40 -2.44 -9.23
N VAL B 64 9.25 -1.23 -8.74
CA VAL B 64 9.18 -0.05 -9.60
C VAL B 64 10.50 0.74 -9.72
N LYS B 65 11.53 0.29 -9.00
CA LYS B 65 12.78 1.00 -8.87
C LYS B 65 13.54 1.00 -10.18
N GLY B 66 14.08 2.16 -10.56
CA GLY B 66 14.77 2.34 -11.85
C GLY B 66 13.82 2.93 -12.88
N ARG B 67 12.65 2.32 -12.95
CA ARG B 67 11.67 2.63 -13.96
C ARG B 67 11.07 3.99 -13.58
N PHE B 68 10.58 4.11 -12.34
CA PHE B 68 9.82 5.30 -11.91
C PHE B 68 10.68 6.30 -11.10
N THR B 69 10.40 7.59 -11.34
CA THR B 69 11.12 8.71 -10.72
C THR B 69 10.11 9.67 -10.07
N ILE B 70 10.12 9.72 -8.74
CA ILE B 70 9.32 10.68 -8.01
C ILE B 70 10.09 11.99 -7.87
N SER B 71 9.36 13.09 -8.00
CA SER B 71 9.93 14.43 -7.86
C SER B 71 8.82 15.33 -7.41
N ARG B 72 9.21 16.44 -6.78
CA ARG B 72 8.26 17.47 -6.38
C ARG B 72 8.85 18.82 -6.72
N ASP B 73 8.01 19.84 -6.64
CA ASP B 73 8.40 21.20 -6.98
C ASP B 73 7.58 22.23 -6.20
N ASN B 74 8.24 22.76 -5.17
CA ASN B 74 7.58 23.41 -4.05
C ASN B 74 7.30 24.88 -4.32
N ALA B 75 7.78 25.39 -5.47
CA ALA B 75 7.47 26.75 -5.93
C ALA B 75 5.97 26.96 -6.01
N LYS B 76 5.27 25.95 -6.52
CA LYS B 76 3.81 26.00 -6.76
C LYS B 76 3.14 24.67 -6.39
N ASN B 77 3.67 24.05 -5.35
CA ASN B 77 3.01 22.93 -4.68
C ASN B 77 2.57 21.84 -5.65
N THR B 78 3.51 21.32 -6.43
CA THR B 78 3.18 20.21 -7.31
C THR B 78 4.16 19.04 -7.24
N LEU B 79 3.57 17.85 -7.15
CA LEU B 79 4.24 16.56 -7.09
C LEU B 79 4.05 15.83 -8.43
N TYR B 80 5.12 15.20 -8.90
CA TYR B 80 5.15 14.53 -10.17
C TYR B 80 5.48 13.06 -10.00
N LEU B 81 5.21 12.25 -11.03
CA LEU B 81 5.70 10.87 -11.12
C LEU B 81 6.04 10.49 -12.55
N GLN B 82 7.31 10.16 -12.78
CA GLN B 82 7.85 9.87 -14.08
C GLN B 82 8.01 8.36 -14.25
N MET B 83 7.19 7.76 -15.10
CA MET B 83 7.25 6.31 -15.31
C MET B 83 7.95 6.04 -16.62
N SER B 84 8.78 5.01 -16.64
CA SER B 84 9.42 4.60 -17.88
C SER B 84 9.79 3.15 -17.84
N SER B 85 9.90 2.56 -19.03
CA SER B 85 9.80 1.11 -19.24
C SER B 85 8.42 0.67 -18.72
N LEU B 86 7.41 1.40 -19.17
CA LEU B 86 6.16 1.53 -18.47
C LEU B 86 5.34 0.24 -18.25
N ARG B 87 5.58 -0.86 -18.98
CA ARG B 87 5.09 -2.22 -18.57
C ARG B 87 3.57 -2.42 -18.36
N SER B 88 3.05 -3.58 -18.76
CA SER B 88 1.60 -3.78 -18.75
C SER B 88 0.96 -3.76 -17.34
N ASP B 89 1.54 -4.50 -16.40
CA ASP B 89 0.99 -4.59 -15.02
C ASP B 89 1.13 -3.30 -14.16
N ASP B 90 1.65 -2.21 -14.74
CA ASP B 90 1.56 -0.89 -14.12
C ASP B 90 0.16 -0.31 -14.27
N THR B 91 -0.64 -0.92 -15.13
CA THR B 91 -2.06 -0.60 -15.28
C THR B 91 -2.80 -0.65 -13.96
N ALA B 92 -3.19 0.56 -13.52
CA ALA B 92 -3.78 0.81 -12.21
C ALA B 92 -4.30 2.25 -12.13
N ILE B 93 -5.15 2.49 -11.12
CA ILE B 93 -5.51 3.86 -10.74
C ILE B 93 -4.32 4.32 -9.95
N TYR B 94 -3.98 5.61 -10.08
CA TYR B 94 -2.91 6.22 -9.28
C TYR B 94 -3.53 7.29 -8.42
N TYR B 95 -3.53 7.04 -7.12
CA TYR B 95 -3.84 8.03 -6.10
C TYR B 95 -2.52 8.70 -5.64
N CYS B 96 -2.44 10.03 -5.75
CA CYS B 96 -1.39 10.83 -5.08
C CYS B 96 -1.74 10.84 -3.58
N THR B 97 -0.79 10.99 -2.65
CA THR B 97 -1.14 10.96 -1.19
C THR B 97 -0.26 11.85 -0.32
N ARG B 98 -0.86 12.50 0.70
CA ARG B 98 -0.07 13.24 1.70
C ARG B 98 0.17 12.38 2.90
N GLN B 99 1.39 12.41 3.42
CA GLN B 99 1.72 11.62 4.57
C GLN B 99 1.72 12.54 5.76
N GLU B 100 1.37 12.01 6.94
CA GLU B 100 1.50 12.80 8.18
C GLU B 100 2.99 12.97 8.60
N GLY B 101 3.52 12.08 9.43
CA GLY B 101 4.94 12.04 9.75
C GLY B 101 5.64 10.78 9.30
N ASP B 102 4.86 9.71 8.99
CA ASP B 102 5.33 8.34 8.62
C ASP B 102 4.53 7.48 7.52
N PHE B 103 3.33 7.94 7.09
CA PHE B 103 2.35 7.15 6.25
C PHE B 103 1.15 8.00 5.62
N PRO B 104 0.64 7.64 4.38
CA PRO B 104 -0.51 8.32 3.70
C PRO B 104 -1.87 8.62 4.49
N LEU B 105 -2.40 9.84 4.32
CA LEU B 105 -3.32 10.52 5.29
C LEU B 105 -4.54 11.25 4.69
N PHE B 106 -4.34 11.93 3.57
CA PHE B 106 -5.41 12.44 2.71
C PHE B 106 -5.07 11.86 1.32
N ASP B 107 -5.83 10.83 0.90
CA ASP B 107 -5.71 10.25 -0.44
C ASP B 107 -6.34 11.20 -1.47
N TYR B 108 -5.76 11.23 -2.65
CA TYR B 108 -6.19 12.12 -3.75
C TYR B 108 -7.39 11.52 -4.49
N TRP B 109 -7.72 12.08 -5.66
CA TRP B 109 -8.93 11.70 -6.39
C TRP B 109 -8.90 10.34 -7.06
N GLY B 110 -7.76 9.98 -7.62
CA GLY B 110 -7.67 8.86 -8.54
C GLY B 110 -7.37 9.37 -9.92
N GLN B 111 -6.61 8.57 -10.67
CA GLN B 111 -6.08 8.95 -11.98
C GLN B 111 -5.63 7.74 -12.86
N GLY B 112 -6.51 7.17 -13.72
CA GLY B 112 -6.30 5.83 -14.34
C GLY B 112 -5.28 5.75 -15.46
N THR B 113 -4.29 4.85 -15.37
CA THR B 113 -3.38 4.48 -16.51
C THR B 113 -3.70 3.02 -17.03
N ILE B 114 -3.58 2.80 -18.34
CA ILE B 114 -3.84 1.50 -19.00
C ILE B 114 -2.70 1.15 -20.01
N LEU B 115 -2.54 -0.11 -20.42
CA LEU B 115 -1.59 -0.50 -21.53
C LEU B 115 -1.97 -1.48 -22.74
N THR B 116 -1.70 -1.07 -24.00
CA THR B 116 -1.19 -1.94 -25.14
C THR B 116 -1.79 -1.97 -26.54
N VAL B 117 -3.07 -1.66 -26.67
CA VAL B 117 -3.81 -2.16 -27.82
C VAL B 117 -4.39 -1.08 -28.66
N SER B 118 -5.66 -0.73 -28.56
CA SER B 118 -6.18 0.34 -29.43
C SER B 118 -7.55 0.80 -29.05
N SER B 119 -7.82 2.08 -29.29
CA SER B 119 -9.09 2.67 -28.93
C SER B 119 -10.18 2.30 -29.95
N ALA B 120 -10.67 1.06 -29.85
CA ALA B 120 -11.92 0.66 -30.48
C ALA B 120 -13.02 1.39 -29.69
N LYS B 121 -14.15 1.55 -30.33
CA LYS B 121 -15.15 2.52 -29.94
C LYS B 121 -16.41 1.72 -29.69
N THR B 122 -17.34 2.26 -28.93
CA THR B 122 -18.49 1.47 -28.49
C THR B 122 -19.48 1.00 -29.59
N THR B 123 -20.62 0.43 -29.19
CA THR B 123 -21.65 0.06 -30.17
C THR B 123 -23.13 0.24 -29.77
N PRO B 124 -23.48 0.43 -28.48
CA PRO B 124 -24.75 -0.03 -27.88
C PRO B 124 -25.88 -0.58 -28.80
N PRO B 125 -25.82 -1.87 -29.20
CA PRO B 125 -27.09 -2.56 -29.27
C PRO B 125 -28.05 -2.19 -28.09
N SER B 126 -29.28 -1.76 -28.42
CA SER B 126 -30.34 -1.42 -27.43
C SER B 126 -31.11 -2.66 -27.04
N VAL B 127 -31.64 -2.70 -25.83
CA VAL B 127 -32.10 -3.97 -25.21
C VAL B 127 -33.28 -3.73 -24.26
N VAL B 142 -42.05 -3.80 -15.70
CA VAL B 142 -41.19 -4.26 -16.81
C VAL B 142 -39.76 -3.72 -16.74
N THR B 143 -38.81 -4.53 -17.22
CA THR B 143 -37.38 -4.19 -17.19
C THR B 143 -36.78 -4.24 -18.60
N LEU B 144 -35.97 -3.22 -18.90
CA LEU B 144 -35.31 -3.00 -20.19
C LEU B 144 -33.80 -2.76 -19.98
N GLY B 145 -33.07 -2.42 -21.05
CA GLY B 145 -31.63 -2.19 -20.91
C GLY B 145 -30.87 -1.64 -22.10
N CYS B 146 -29.54 -1.74 -22.01
CA CYS B 146 -28.61 -1.07 -22.93
C CYS B 146 -27.27 -1.81 -22.89
N LEU B 147 -26.83 -2.38 -24.01
CA LEU B 147 -25.63 -3.21 -24.03
C LEU B 147 -24.54 -2.50 -24.79
N VAL B 148 -23.59 -1.95 -24.04
CA VAL B 148 -22.47 -1.20 -24.60
C VAL B 148 -21.28 -2.16 -24.77
N LYS B 149 -20.80 -2.29 -26.00
CA LYS B 149 -19.92 -3.38 -26.31
C LYS B 149 -18.76 -2.99 -27.20
N GLY B 150 -17.64 -3.72 -27.05
CA GLY B 150 -16.51 -3.67 -27.98
C GLY B 150 -15.62 -2.44 -27.93
N TYR B 151 -15.50 -1.83 -26.75
CA TYR B 151 -14.94 -0.48 -26.59
C TYR B 151 -13.71 -0.48 -25.71
N PHE B 152 -12.87 0.53 -25.88
CA PHE B 152 -11.60 0.60 -25.18
C PHE B 152 -11.02 2.00 -25.33
N PRO B 153 -10.43 2.60 -24.29
CA PRO B 153 -10.28 2.05 -22.93
C PRO B 153 -11.33 2.60 -21.98
N GLU B 154 -11.17 2.30 -20.69
CA GLU B 154 -12.02 2.89 -19.67
C GLU B 154 -11.82 4.40 -19.76
N PRO B 155 -12.85 5.22 -19.54
CA PRO B 155 -14.19 4.81 -19.13
C PRO B 155 -15.23 5.02 -20.23
N VAL B 156 -16.49 4.93 -19.83
CA VAL B 156 -17.64 5.22 -20.66
C VAL B 156 -18.70 5.82 -19.72
N THR B 157 -19.76 6.44 -20.23
CA THR B 157 -20.82 6.99 -19.36
C THR B 157 -22.22 6.66 -19.83
N VAL B 158 -22.94 5.83 -19.07
CA VAL B 158 -24.39 5.63 -19.27
C VAL B 158 -25.18 6.49 -18.30
N THR B 159 -26.25 7.08 -18.83
CA THR B 159 -27.38 7.52 -18.03
C THR B 159 -28.65 7.13 -18.81
N TRP B 160 -29.82 7.48 -18.25
CA TRP B 160 -31.10 7.31 -18.91
C TRP B 160 -31.87 8.64 -18.93
N ASN B 161 -32.27 9.07 -20.12
CA ASN B 161 -32.97 10.35 -20.33
C ASN B 161 -32.26 11.57 -19.72
N SER B 162 -30.94 11.58 -19.78
CA SER B 162 -30.09 12.69 -19.36
C SER B 162 -30.30 12.97 -17.88
N GLY B 163 -29.73 12.12 -17.04
CA GLY B 163 -30.02 12.13 -15.62
C GLY B 163 -31.40 11.53 -15.42
N SER B 164 -32.41 12.39 -15.31
CA SER B 164 -33.83 11.99 -15.15
C SER B 164 -34.03 10.77 -14.23
N LEU B 165 -33.88 9.56 -14.78
CA LEU B 165 -34.16 8.31 -14.06
C LEU B 165 -33.22 8.04 -12.86
N SER B 166 -33.61 8.61 -11.72
CA SER B 166 -32.93 8.38 -10.44
C SER B 166 -33.04 6.87 -10.13
N SER B 167 -34.25 6.41 -9.79
CA SER B 167 -34.48 5.01 -9.39
C SER B 167 -34.51 4.06 -10.58
N GLY B 168 -34.56 2.76 -10.28
CA GLY B 168 -34.63 1.70 -11.29
C GLY B 168 -33.29 1.25 -11.86
N VAL B 169 -32.28 2.12 -11.83
CA VAL B 169 -31.06 1.97 -12.64
C VAL B 169 -30.13 0.96 -11.98
N HIS B 170 -29.55 0.07 -12.78
CA HIS B 170 -28.57 -0.91 -12.31
C HIS B 170 -27.46 -1.07 -13.35
N THR B 171 -26.72 0.01 -13.56
CA THR B 171 -25.59 0.04 -14.49
C THR B 171 -24.45 -0.88 -13.97
N PHE B 172 -24.20 -1.97 -14.68
CA PHE B 172 -23.24 -2.97 -14.23
C PHE B 172 -21.83 -2.48 -14.49
N PRO B 173 -20.84 -2.99 -13.70
CA PRO B 173 -19.42 -2.82 -14.00
C PRO B 173 -18.99 -3.40 -15.34
N ALA B 174 -17.92 -2.82 -15.88
CA ALA B 174 -17.37 -3.24 -17.15
C ALA B 174 -16.69 -4.58 -17.00
N VAL B 175 -16.42 -5.21 -18.13
CA VAL B 175 -15.68 -6.45 -18.17
C VAL B 175 -14.79 -6.42 -19.40
N LEU B 176 -13.56 -6.89 -19.28
CA LEU B 176 -12.72 -6.99 -20.46
C LEU B 176 -12.96 -8.33 -21.11
N GLN B 177 -13.15 -8.28 -22.42
CA GLN B 177 -13.66 -9.39 -23.22
C GLN B 177 -12.41 -10.18 -23.64
N SER B 178 -12.20 -10.45 -24.93
CA SER B 178 -10.89 -10.92 -25.39
C SER B 178 -9.89 -9.79 -25.18
N ASP B 179 -10.14 -8.66 -25.83
CA ASP B 179 -9.30 -7.49 -25.61
C ASP B 179 -10.04 -6.13 -25.64
N LEU B 180 -11.36 -6.16 -25.39
CA LEU B 180 -12.18 -4.96 -25.42
C LEU B 180 -13.18 -5.02 -24.30
N TYR B 181 -13.54 -3.86 -23.77
CA TYR B 181 -14.53 -3.78 -22.72
C TYR B 181 -15.92 -3.99 -23.25
N THR B 182 -16.84 -4.13 -22.31
CA THR B 182 -18.26 -4.26 -22.57
C THR B 182 -19.01 -4.09 -21.23
N LEU B 183 -19.91 -3.12 -21.14
CA LEU B 183 -20.76 -3.00 -19.95
C LEU B 183 -22.23 -3.11 -20.31
N SER B 184 -23.06 -3.27 -19.29
CA SER B 184 -24.49 -3.44 -19.45
C SER B 184 -25.20 -2.58 -18.41
N SER B 185 -26.41 -2.13 -18.74
CA SER B 185 -27.19 -1.28 -17.85
C SER B 185 -28.65 -1.72 -17.87
N SER B 186 -29.21 -2.05 -16.71
CA SER B 186 -30.66 -2.35 -16.58
C SER B 186 -31.41 -1.20 -15.90
N VAL B 187 -32.65 -1.00 -16.34
CA VAL B 187 -33.52 0.00 -15.76
C VAL B 187 -34.95 -0.53 -15.87
N THR B 188 -35.71 -0.42 -14.78
CA THR B 188 -37.02 -1.06 -14.65
C THR B 188 -38.10 0.01 -14.40
N VAL B 189 -39.31 -0.22 -14.94
CA VAL B 189 -40.41 0.77 -14.89
C VAL B 189 -41.81 0.15 -14.78
N THR B 190 -42.78 1.01 -14.47
CA THR B 190 -44.20 0.65 -14.42
C THR B 190 -44.63 0.18 -15.83
N SER B 191 -45.18 -1.04 -15.90
CA SER B 191 -45.44 -1.76 -17.18
C SER B 191 -46.20 -0.96 -18.24
N SER B 192 -47.04 -0.02 -17.81
CA SER B 192 -47.80 0.88 -18.69
C SER B 192 -46.94 1.97 -19.35
N THR B 193 -46.20 2.71 -18.51
CA THR B 193 -45.53 3.98 -18.90
C THR B 193 -44.55 3.92 -20.10
N TRP B 194 -44.09 2.71 -20.41
CA TRP B 194 -43.37 2.44 -21.63
C TRP B 194 -44.26 1.57 -22.53
N PRO B 195 -44.41 1.86 -23.84
CA PRO B 195 -43.66 2.88 -24.59
C PRO B 195 -44.30 4.27 -24.67
N SER B 196 -45.33 4.55 -23.85
CA SER B 196 -46.13 5.79 -23.93
C SER B 196 -45.29 7.07 -23.83
N GLN B 197 -44.19 6.98 -23.08
CA GLN B 197 -43.03 7.83 -23.28
C GLN B 197 -41.84 6.90 -23.49
N SER B 198 -41.36 6.85 -24.73
CA SER B 198 -40.19 6.06 -25.10
C SER B 198 -38.97 6.61 -24.38
N VAL B 199 -38.04 5.70 -24.11
CA VAL B 199 -36.97 5.98 -23.17
C VAL B 199 -35.61 5.83 -23.85
N THR B 200 -34.72 6.76 -23.49
CA THR B 200 -33.43 6.96 -24.13
C THR B 200 -32.30 6.65 -23.12
N CYS B 201 -31.26 6.01 -23.64
CA CYS B 201 -30.06 5.57 -22.93
C CYS B 201 -28.91 6.38 -23.48
N ASN B 202 -28.26 7.19 -22.64
CA ASN B 202 -27.31 8.23 -23.12
C ASN B 202 -25.85 7.84 -22.86
N VAL B 203 -25.27 7.19 -23.87
CA VAL B 203 -23.94 6.62 -23.80
C VAL B 203 -22.93 7.62 -24.30
N ALA B 204 -21.73 7.56 -23.73
CA ALA B 204 -20.64 8.44 -24.07
C ALA B 204 -19.32 7.73 -23.82
N HIS B 205 -18.47 7.69 -24.86
CA HIS B 205 -17.08 7.24 -24.76
C HIS B 205 -16.19 8.43 -25.11
N PRO B 206 -15.64 9.12 -24.09
CA PRO B 206 -14.94 10.36 -24.36
C PRO B 206 -13.61 10.16 -25.10
N ALA B 207 -12.89 9.06 -24.84
CA ALA B 207 -11.61 8.79 -25.49
C ALA B 207 -11.68 8.52 -26.99
N SER B 208 -12.86 8.27 -27.52
CA SER B 208 -13.08 8.18 -28.98
C SER B 208 -14.02 9.28 -29.49
N SER B 209 -14.34 10.24 -28.61
CA SER B 209 -15.28 11.34 -28.89
C SER B 209 -16.66 10.89 -29.35
N THR B 210 -17.08 9.71 -28.88
CA THR B 210 -18.36 9.12 -29.29
C THR B 210 -19.47 9.42 -28.29
N LYS B 211 -20.69 9.56 -28.79
CA LYS B 211 -21.83 10.02 -28.00
C LYS B 211 -23.05 9.42 -28.69
N VAL B 212 -23.90 8.73 -27.94
CA VAL B 212 -25.00 7.92 -28.49
C VAL B 212 -26.21 7.85 -27.57
N ASP B 213 -27.20 8.68 -27.86
CA ASP B 213 -28.46 8.63 -27.13
C ASP B 213 -29.31 7.66 -27.93
N LYS B 214 -29.74 6.56 -27.28
CA LYS B 214 -30.42 5.45 -27.96
C LYS B 214 -31.85 5.23 -27.46
N LYS B 215 -32.82 5.55 -28.30
CA LYS B 215 -34.23 5.32 -27.99
C LYS B 215 -34.48 3.80 -28.06
N ILE B 216 -35.08 3.26 -27.00
CA ILE B 216 -35.38 1.83 -26.91
C ILE B 216 -36.76 1.59 -27.53
N VAL B 217 -36.80 0.89 -28.66
CA VAL B 217 -38.06 0.60 -29.39
C VAL B 217 -38.46 -0.87 -29.18
N PRO B 218 -39.78 -1.21 -29.20
CA PRO B 218 -40.22 -2.61 -29.41
C PRO B 218 -39.99 -3.10 -30.86
N ARG B 219 -40.05 -4.41 -31.12
CA ARG B 219 -39.87 -4.91 -32.50
C ARG B 219 -41.19 -4.96 -33.27
N ARG C 50 11.69 19.46 17.52
CA ARG C 50 12.18 19.81 18.87
C ARG C 50 13.61 20.28 18.76
N THR C 51 13.77 21.58 18.45
CA THR C 51 15.06 22.27 18.59
C THR C 51 15.35 22.41 20.10
N ALA C 52 15.87 21.34 20.69
CA ALA C 52 16.06 21.16 22.12
C ALA C 52 17.25 20.18 22.26
N VAL C 53 18.06 20.26 23.31
CA VAL C 53 19.36 19.56 23.33
C VAL C 53 19.91 19.15 24.71
N ARG C 54 19.43 18.02 25.24
CA ARG C 54 19.92 17.45 26.51
C ARG C 54 21.48 17.38 26.59
N ALA C 55 22.10 18.21 27.44
CA ALA C 55 23.57 18.15 27.73
C ALA C 55 23.96 16.84 28.43
N ALA C 56 25.16 16.33 28.19
CA ALA C 56 25.61 15.04 28.74
C ALA C 56 27.02 15.05 29.34
N ALA C 57 27.22 14.17 30.33
CA ALA C 57 28.54 13.84 30.88
C ALA C 57 28.66 12.33 31.15
N THR C 58 29.89 11.83 31.04
CA THR C 58 30.23 10.45 31.34
C THR C 58 31.28 10.46 32.45
N GLU C 59 32.14 9.44 32.55
CA GLU C 59 32.92 9.17 33.78
C GLU C 59 34.29 8.49 33.52
N ARG C 60 34.32 7.16 33.41
CA ARG C 60 35.42 6.47 32.75
C ARG C 60 34.91 5.48 31.66
N ASP C 61 33.83 5.93 31.01
CA ASP C 61 33.48 5.58 29.64
C ASP C 61 33.50 6.94 28.93
N ARG C 62 34.70 7.44 28.64
CA ARG C 62 34.84 8.76 28.02
C ARG C 62 34.27 8.78 26.61
N PHE C 63 33.76 9.95 26.18
CA PHE C 63 33.52 10.21 24.75
C PHE C 63 34.83 10.40 24.01
N TYR C 64 35.07 9.61 22.96
CA TYR C 64 36.18 9.88 22.04
C TYR C 64 35.67 10.26 20.65
N VAL C 65 36.56 10.92 19.91
CA VAL C 65 36.42 11.11 18.47
C VAL C 65 37.65 10.47 17.85
N CYS C 66 37.48 9.89 16.67
CA CYS C 66 38.55 9.17 15.98
C CYS C 66 38.83 9.78 14.62
N PRO C 67 40.10 10.15 14.38
CA PRO C 67 40.47 10.61 13.07
C PRO C 67 40.83 9.39 12.22
N PRO C 68 40.64 9.50 10.90
CA PRO C 68 41.17 8.42 10.06
C PRO C 68 42.68 8.33 10.22
N PRO C 69 43.22 7.13 10.49
CA PRO C 69 44.67 7.01 10.53
C PRO C 69 45.23 7.00 9.12
N SER C 70 46.18 7.90 8.86
CA SER C 70 47.14 7.71 7.78
C SER C 70 48.16 6.72 8.33
N GLY C 71 48.93 6.07 7.46
CA GLY C 71 49.86 5.02 7.90
C GLY C 71 51.09 5.45 8.69
N SER C 72 50.90 6.33 9.69
CA SER C 72 52.00 6.84 10.51
C SER C 72 52.56 5.62 11.20
N THR C 73 51.71 4.95 11.97
CA THR C 73 52.06 3.71 12.64
C THR C 73 51.37 2.57 11.91
N VAL C 74 52.00 1.40 11.96
CA VAL C 74 51.59 0.22 11.22
C VAL C 74 51.94 -1.00 12.07
N VAL C 75 50.99 -1.95 12.22
CA VAL C 75 51.17 -3.11 13.10
C VAL C 75 50.58 -4.41 12.54
N ARG C 76 50.92 -5.51 13.22
CA ARG C 76 50.29 -6.82 13.01
C ARG C 76 49.92 -7.42 14.36
N LEU C 77 49.26 -8.57 14.35
CA LEU C 77 48.97 -9.27 15.59
C LEU C 77 50.08 -10.23 16.01
N GLU C 78 50.14 -10.49 17.31
CA GLU C 78 51.05 -11.47 17.87
C GLU C 78 50.50 -12.83 17.43
N PRO C 79 51.25 -13.54 16.56
CA PRO C 79 50.79 -14.82 16.03
C PRO C 79 50.95 -15.94 17.05
N GLU C 80 50.36 -17.11 16.80
CA GLU C 80 50.52 -18.28 17.67
C GLU C 80 51.95 -18.45 18.19
N GLN C 81 52.09 -18.50 19.52
CA GLN C 81 53.37 -18.76 20.19
C GLN C 81 53.44 -20.25 20.54
N ALA C 82 54.56 -20.91 20.25
CA ALA C 82 54.74 -22.33 20.60
C ALA C 82 54.75 -22.51 22.13
N CYS C 83 54.40 -23.71 22.60
CA CYS C 83 54.19 -23.99 24.05
C CYS C 83 55.17 -25.05 24.58
N ASP C 93 54.15 -30.29 38.55
CA ASP C 93 53.88 -30.80 37.20
C ASP C 93 52.35 -30.94 36.91
N MET C 94 51.51 -30.45 37.83
CA MET C 94 50.10 -30.19 37.55
C MET C 94 49.90 -28.79 36.95
N LEU C 95 50.85 -27.87 37.23
CA LEU C 95 50.86 -26.52 36.65
C LEU C 95 51.68 -26.43 35.33
N SER C 96 52.33 -27.54 34.95
CA SER C 96 52.77 -27.75 33.56
C SER C 96 51.54 -27.78 32.65
N ARG C 97 50.59 -28.63 33.03
CA ARG C 97 49.37 -28.89 32.23
C ARG C 97 48.49 -27.64 32.02
N ILE C 98 48.51 -26.72 32.98
CA ILE C 98 47.78 -25.43 32.87
C ILE C 98 48.41 -24.44 31.88
N ALA C 99 49.74 -24.42 31.78
CA ALA C 99 50.43 -23.55 30.81
C ALA C 99 50.13 -23.97 29.37
N ALA C 100 50.19 -25.28 29.10
CA ALA C 100 50.06 -25.84 27.74
C ALA C 100 48.64 -25.73 27.15
N ALA C 101 47.62 -25.82 28.01
CA ALA C 101 46.23 -25.60 27.60
C ALA C 101 46.01 -24.11 27.33
N TRP C 102 46.36 -23.27 28.30
CA TRP C 102 46.24 -21.81 28.21
C TRP C 102 46.87 -21.25 26.95
N CYS C 103 48.12 -21.66 26.72
CA CYS C 103 48.85 -21.29 25.51
C CYS C 103 48.15 -21.78 24.24
N GLU C 104 47.67 -23.04 24.23
CA GLU C 104 46.89 -23.56 23.09
C GLU C 104 45.56 -22.81 22.93
N LEU C 105 44.92 -22.47 24.06
CA LEU C 105 43.71 -21.65 24.03
C LEU C 105 44.03 -20.32 23.39
N GLN C 106 44.96 -19.56 23.96
CA GLN C 106 45.43 -18.30 23.34
C GLN C 106 45.72 -18.46 21.83
N ASN C 107 46.37 -19.55 21.47
CA ASN C 107 46.68 -19.85 20.07
C ASN C 107 45.43 -20.09 19.20
N LYS C 108 44.46 -20.83 19.73
CA LYS C 108 43.24 -21.08 18.98
C LYS C 108 42.42 -19.81 18.92
N ASP C 109 42.23 -19.19 20.08
CA ASP C 109 41.53 -17.91 20.18
C ASP C 109 42.16 -16.83 19.28
N ARG C 110 43.47 -16.93 19.04
CA ARG C 110 44.16 -16.11 18.02
C ARG C 110 43.35 -16.07 16.70
N THR C 111 43.06 -17.25 16.12
CA THR C 111 42.35 -17.34 14.84
C THR C 111 41.10 -16.47 14.83
N LEU C 112 40.36 -16.46 15.94
CA LEU C 112 39.15 -15.64 16.08
C LEU C 112 39.50 -14.18 15.97
N TRP C 113 40.45 -13.73 16.77
CA TRP C 113 40.87 -12.34 16.75
C TRP C 113 41.25 -11.93 15.33
N GLY C 114 41.93 -12.82 14.61
CA GLY C 114 42.19 -12.62 13.17
C GLY C 114 40.95 -12.24 12.39
N GLU C 115 40.03 -13.19 12.24
CA GLU C 115 38.75 -12.95 11.59
C GLU C 115 38.13 -11.61 11.96
N MET C 116 38.04 -11.32 13.26
CA MET C 116 37.43 -10.05 13.71
C MET C 116 38.27 -8.83 13.38
N SER C 117 39.59 -8.98 13.29
CA SER C 117 40.44 -7.86 12.88
C SER C 117 40.18 -7.42 11.45
N ARG C 118 39.75 -8.34 10.60
CA ARG C 118 39.55 -8.05 9.16
C ARG C 118 38.30 -7.24 8.86
N LEU C 119 37.26 -7.37 9.69
CA LEU C 119 36.01 -6.58 9.55
C LEU C 119 35.73 -5.52 10.65
N ASN C 120 36.49 -5.48 11.74
CA ASN C 120 36.33 -4.42 12.77
C ASN C 120 37.63 -4.20 13.54
N PRO C 121 38.70 -3.77 12.83
CA PRO C 121 40.04 -3.68 13.42
C PRO C 121 40.15 -2.73 14.63
N SER C 122 39.47 -1.59 14.54
CA SER C 122 39.40 -0.63 15.64
C SER C 122 39.09 -1.30 16.99
N ALA C 123 38.08 -2.16 16.99
CA ALA C 123 37.68 -2.85 18.20
C ALA C 123 38.70 -3.87 18.64
N VAL C 124 39.49 -4.40 17.71
CA VAL C 124 40.58 -5.31 18.08
C VAL C 124 41.69 -4.51 18.78
N ALA C 125 42.19 -3.46 18.11
CA ALA C 125 43.31 -2.67 18.63
C ALA C 125 42.99 -1.96 19.95
N THR C 126 41.75 -1.46 20.09
CA THR C 126 41.28 -0.89 21.36
C THR C 126 41.39 -1.86 22.53
N ALA C 127 41.15 -3.12 22.25
CA ALA C 127 41.24 -4.16 23.26
C ALA C 127 42.69 -4.60 23.47
N ALA C 128 43.42 -4.77 22.38
CA ALA C 128 44.81 -5.23 22.48
C ALA C 128 45.74 -4.23 23.18
N LEU C 129 45.45 -2.94 22.98
CA LEU C 129 46.18 -1.84 23.58
C LEU C 129 45.44 -1.17 24.72
N GLY C 130 44.36 -1.78 25.22
CA GLY C 130 43.47 -1.18 26.23
C GLY C 130 43.21 0.31 26.10
N GLN C 131 43.10 0.79 24.85
CA GLN C 131 43.05 2.23 24.53
C GLN C 131 42.18 2.51 23.31
N ARG C 132 41.22 3.44 23.43
CA ARG C 132 40.40 3.81 22.28
C ARG C 132 41.25 4.30 21.11
N VAL C 133 41.16 3.54 20.00
CA VAL C 133 41.91 3.76 18.77
C VAL C 133 41.02 3.49 17.56
N SER C 134 41.35 4.18 16.48
CA SER C 134 40.74 3.99 15.19
C SER C 134 41.74 3.19 14.41
N ALA C 135 41.31 2.10 13.82
CA ALA C 135 42.19 1.27 13.03
C ALA C 135 41.58 0.97 11.66
N ARG C 136 42.43 0.81 10.65
CA ARG C 136 42.00 0.14 9.43
C ARG C 136 43.13 -0.57 8.70
N MET C 137 42.72 -1.54 7.88
CA MET C 137 43.63 -2.49 7.25
C MET C 137 44.30 -1.87 6.03
N LEU C 138 45.53 -2.30 5.74
CA LEU C 138 46.22 -2.01 4.48
C LEU C 138 46.70 -3.38 4.02
N GLY C 139 45.84 -4.09 3.30
CA GLY C 139 46.13 -5.48 3.02
C GLY C 139 46.15 -6.22 4.35
N ASP C 140 47.21 -7.00 4.59
CA ASP C 140 47.23 -7.91 5.72
C ASP C 140 47.82 -7.28 6.99
N VAL C 141 47.63 -5.98 7.18
CA VAL C 141 48.30 -5.24 8.25
C VAL C 141 47.35 -4.14 8.72
N MET C 142 47.57 -3.61 9.92
CA MET C 142 46.73 -2.52 10.47
C MET C 142 47.39 -1.14 10.46
N ALA C 143 46.56 -0.10 10.60
CA ALA C 143 47.02 1.30 10.75
C ALA C 143 46.22 2.00 11.85
N ILE C 144 46.91 2.63 12.80
CA ILE C 144 46.30 3.12 14.05
C ILE C 144 46.52 4.61 14.29
N SER C 145 45.58 5.19 15.04
CA SER C 145 45.75 6.50 15.66
C SER C 145 45.05 6.46 17.03
N ARG C 146 45.49 7.29 17.98
CA ARG C 146 44.77 7.43 19.23
C ARG C 146 43.50 8.18 18.89
N CYS C 147 42.40 7.69 19.42
CA CYS C 147 41.17 8.46 19.37
C CYS C 147 41.29 9.50 20.47
N VAL C 148 41.12 10.76 20.11
CA VAL C 148 41.22 11.86 21.04
C VAL C 148 39.99 11.82 21.93
N GLU C 149 40.15 12.26 23.19
CA GLU C 149 39.05 12.37 24.15
C GLU C 149 38.27 13.67 23.93
N VAL C 150 37.07 13.75 24.49
CA VAL C 150 36.29 14.96 24.37
C VAL C 150 35.84 15.49 25.75
N ARG C 151 36.24 16.72 26.03
CA ARG C 151 35.64 17.54 27.08
C ARG C 151 35.03 18.78 26.42
N GLY C 152 34.30 19.55 27.21
CA GLY C 152 33.37 20.51 26.68
C GLY C 152 32.04 19.80 26.79
N GLY C 153 30.97 20.58 26.67
CA GLY C 153 29.63 20.07 26.70
C GLY C 153 29.36 19.21 25.47
N VAL C 154 28.67 18.10 25.71
CA VAL C 154 28.28 17.12 24.70
C VAL C 154 26.76 17.07 24.76
N TYR C 155 26.11 17.75 23.83
CA TYR C 155 24.65 17.81 23.84
C TYR C 155 24.11 16.93 22.72
N VAL C 156 22.94 16.37 22.96
CA VAL C 156 22.31 15.33 22.14
C VAL C 156 20.97 15.88 21.62
N GLN C 157 20.90 16.31 20.36
CA GLN C 157 19.65 16.93 19.87
C GLN C 157 18.47 15.98 20.13
N ASN C 158 17.36 16.55 20.58
CA ASN C 158 16.17 15.81 21.00
C ASN C 158 15.40 15.12 19.90
N SER C 159 15.51 15.66 18.69
CA SER C 159 14.87 15.09 17.51
C SER C 159 15.86 14.27 16.67
N MET C 160 15.34 13.17 16.13
CA MET C 160 16.02 12.37 15.13
C MET C 160 15.37 12.57 13.76
N ARG C 161 14.54 13.63 13.63
CA ARG C 161 13.90 13.98 12.37
C ARG C 161 14.99 14.77 11.60
N VAL C 162 14.97 14.74 10.26
CA VAL C 162 15.93 15.49 9.42
C VAL C 162 15.20 16.77 9.08
N PRO C 163 15.88 17.93 9.18
CA PRO C 163 15.13 19.19 9.30
C PRO C 163 14.30 19.58 8.08
N GLY C 164 14.96 19.62 6.93
CA GLY C 164 14.27 19.92 5.67
C GLY C 164 13.48 18.74 5.13
N GLU C 165 14.04 17.54 5.24
CA GLU C 165 13.57 16.40 4.47
C GLU C 165 12.55 15.62 5.26
N ARG C 166 11.41 16.30 5.42
CA ARG C 166 10.39 15.95 6.37
C ARG C 166 9.78 14.69 5.85
N GLY C 167 10.11 13.56 6.48
CA GLY C 167 9.79 12.23 5.97
C GLY C 167 10.95 11.26 6.10
N THR C 168 12.15 11.81 6.13
CA THR C 168 13.35 11.03 6.41
C THR C 168 13.93 11.41 7.79
N CYS C 169 14.79 10.56 8.31
CA CYS C 169 15.17 10.59 9.70
C CYS C 169 16.68 10.36 9.84
N TYR C 170 17.17 10.37 11.07
CA TYR C 170 18.54 9.98 11.32
C TYR C 170 18.53 8.62 11.94
N SER C 171 19.64 7.93 11.81
CA SER C 171 19.76 6.57 12.30
C SER C 171 20.01 6.65 13.79
N ARG C 172 20.98 7.49 14.17
CA ARG C 172 21.44 7.64 15.56
C ARG C 172 21.52 9.12 15.93
N PRO C 173 21.18 9.49 17.22
CA PRO C 173 20.93 10.88 17.64
C PRO C 173 22.02 11.85 17.25
N LEU C 174 21.59 13.04 16.84
CA LEU C 174 22.51 14.10 16.51
C LEU C 174 23.19 14.62 17.77
N VAL C 175 24.44 15.01 17.67
CA VAL C 175 25.12 15.62 18.80
C VAL C 175 25.78 16.88 18.34
N THR C 176 25.72 17.90 19.19
CA THR C 176 26.51 19.11 19.08
C THR C 176 27.51 19.00 20.24
N PHE C 177 28.76 19.30 19.93
CA PHE C 177 29.83 19.30 20.93
C PHE C 177 30.99 20.19 20.49
N GLU C 178 31.71 20.76 21.46
CA GLU C 178 32.85 21.64 21.17
C GLU C 178 34.14 20.89 21.43
N HIS C 179 35.26 21.58 21.15
CA HIS C 179 36.61 21.08 21.39
C HIS C 179 36.92 19.97 20.37
N ASN C 180 38.06 19.29 20.56
CA ASN C 180 38.71 18.45 19.56
C ASN C 180 39.27 19.33 18.44
N GLY C 181 40.23 20.17 18.83
CA GLY C 181 41.12 20.89 17.93
C GLY C 181 40.58 21.51 16.64
N THR C 182 39.61 22.44 16.69
CA THR C 182 38.87 22.87 17.89
C THR C 182 37.50 23.43 17.39
N GLY C 183 36.88 24.37 18.11
CA GLY C 183 35.64 25.02 17.66
C GLY C 183 34.46 24.06 17.79
N VAL C 184 33.25 24.54 17.49
CA VAL C 184 32.05 23.69 17.55
C VAL C 184 32.04 22.67 16.40
N ILE C 185 31.46 21.49 16.66
CA ILE C 185 31.27 20.43 15.68
C ILE C 185 29.81 19.97 15.73
N GLU C 186 29.25 19.68 14.56
CA GLU C 186 27.90 19.12 14.46
C GLU C 186 28.03 17.71 13.91
N GLY C 187 28.28 16.76 14.81
CA GLY C 187 28.43 15.35 14.47
C GLY C 187 27.19 14.54 14.79
N GLN C 188 27.34 13.22 14.91
CA GLN C 188 26.27 12.39 15.51
C GLN C 188 26.85 11.21 16.23
N LEU C 189 26.02 10.59 17.07
CA LEU C 189 26.45 9.63 18.09
C LEU C 189 26.84 8.29 17.50
N GLY C 190 28.13 7.98 17.48
CA GLY C 190 28.62 6.69 16.96
C GLY C 190 28.48 5.52 17.93
N ASP C 191 28.93 4.35 17.50
CA ASP C 191 28.97 3.16 18.38
C ASP C 191 29.71 3.46 19.64
N ASP C 192 29.07 3.30 20.79
CA ASP C 192 29.81 3.23 22.05
C ASP C 192 30.76 4.43 22.18
N ASN C 193 30.17 5.63 22.12
CA ASN C 193 30.89 6.88 22.40
C ASN C 193 32.06 7.17 21.45
N GLU C 194 31.97 6.64 20.24
CA GLU C 194 32.62 7.25 19.10
C GLU C 194 31.78 8.48 18.94
N LEU C 195 32.40 9.61 18.63
CA LEU C 195 31.64 10.73 18.11
C LEU C 195 32.10 10.93 16.70
N LEU C 196 31.10 11.07 15.85
CA LEU C 196 31.27 11.14 14.41
C LEU C 196 31.11 12.60 14.09
N ILE C 197 32.00 13.07 13.24
CA ILE C 197 32.06 14.45 12.85
C ILE C 197 30.95 14.71 11.81
N SER C 198 30.39 13.64 11.22
CA SER C 198 29.48 13.70 10.06
C SER C 198 28.06 13.24 10.37
N ARG C 199 27.08 14.04 9.96
CA ARG C 199 25.65 13.74 10.18
C ARG C 199 25.00 13.15 8.92
N ASP C 200 25.34 11.90 8.65
CA ASP C 200 24.85 11.22 7.45
C ASP C 200 24.61 9.73 7.69
N LEU C 201 24.12 9.40 8.88
CA LEU C 201 23.53 8.10 9.09
C LEU C 201 22.06 8.44 9.11
N ILE C 202 21.41 8.14 8.00
CA ILE C 202 20.04 8.56 7.75
C ILE C 202 19.21 7.32 7.48
N GLU C 203 17.90 7.49 7.59
CA GLU C 203 16.95 6.46 7.21
C GLU C 203 15.62 7.13 7.03
N PRO C 204 14.65 6.43 6.47
CA PRO C 204 13.32 7.02 6.39
C PRO C 204 12.51 6.63 7.59
N CYS C 205 11.61 7.52 7.99
CA CYS C 205 10.98 7.41 9.28
C CYS C 205 9.98 6.29 9.25
N THR C 206 10.34 5.23 9.96
CA THR C 206 9.45 4.12 10.36
C THR C 206 8.47 4.62 11.40
N GLY C 207 7.38 3.87 11.59
CA GLY C 207 6.55 3.94 12.82
C GLY C 207 6.89 2.79 13.78
N ASN C 208 6.92 3.05 15.09
CA ASN C 208 7.51 2.12 16.08
C ASN C 208 9.03 2.07 15.84
N HIS C 209 9.63 3.23 16.13
CA HIS C 209 11.06 3.37 16.24
C HIS C 209 11.34 3.60 17.72
N ARG C 210 11.74 2.54 18.41
CA ARG C 210 12.26 2.66 19.76
C ARG C 210 13.70 2.18 19.76
N ARG C 211 14.60 2.97 20.30
CA ARG C 211 16.02 2.65 20.30
C ARG C 211 16.64 3.01 21.65
N TYR C 212 17.77 2.38 21.96
CA TYR C 212 18.55 2.69 23.14
C TYR C 212 19.99 2.86 22.73
N PHE C 213 20.48 4.07 22.80
CA PHE C 213 21.86 4.32 22.41
C PHE C 213 22.77 4.44 23.65
N LYS C 214 24.00 3.96 23.52
CA LYS C 214 24.98 4.19 24.56
C LYS C 214 25.36 5.64 24.41
N LEU C 215 24.97 6.41 25.43
CA LEU C 215 25.30 7.81 25.59
C LEU C 215 26.26 7.83 26.76
N GLY C 216 27.54 7.94 26.47
CA GLY C 216 28.55 8.01 27.53
C GLY C 216 28.46 6.89 28.56
N GLY C 217 28.42 7.26 29.84
CA GLY C 217 28.33 6.28 30.91
C GLY C 217 27.00 5.54 30.87
N GLY C 218 25.93 6.32 30.72
CA GLY C 218 24.58 5.80 30.65
C GLY C 218 24.11 5.35 29.28
N TYR C 219 22.78 5.31 29.15
CA TYR C 219 22.08 5.05 27.90
C TYR C 219 21.06 6.17 27.67
N VAL C 220 20.52 6.25 26.45
CA VAL C 220 19.47 7.22 26.13
C VAL C 220 18.36 6.59 25.28
N TYR C 221 17.14 6.63 25.78
CA TYR C 221 16.00 6.06 25.07
C TYR C 221 15.46 7.10 24.11
N TYR C 222 15.01 6.64 22.96
CA TYR C 222 14.40 7.50 21.96
C TYR C 222 13.18 6.78 21.50
N GLU C 223 12.14 7.52 21.16
CA GLU C 223 10.92 6.89 20.69
C GLU C 223 10.33 7.77 19.62
N ASP C 224 9.79 7.14 18.57
CA ASP C 224 9.22 7.85 17.43
C ASP C 224 10.18 8.97 17.02
N TYR C 225 11.41 8.57 16.73
CA TYR C 225 12.50 9.47 16.32
C TYR C 225 12.60 10.77 17.14
N SER C 226 12.35 10.66 18.44
CA SER C 226 12.34 11.79 19.35
C SER C 226 12.75 11.33 20.76
N TYR C 227 13.44 12.22 21.48
CA TYR C 227 14.02 11.96 22.82
C TYR C 227 12.95 11.55 23.80
N VAL C 228 13.31 10.75 24.80
CA VAL C 228 12.38 10.43 25.90
C VAL C 228 13.00 10.82 27.24
N ARG C 229 14.06 10.14 27.63
CA ARG C 229 14.69 10.35 28.92
C ARG C 229 16.14 9.89 28.82
N MET C 230 16.82 9.77 29.96
CA MET C 230 18.01 8.95 30.06
C MET C 230 17.56 7.69 30.74
N VAL C 231 18.38 6.66 30.65
CA VAL C 231 18.10 5.44 31.38
C VAL C 231 19.38 4.71 31.71
N GLU C 232 19.32 3.92 32.77
CA GLU C 232 20.31 2.93 33.08
C GLU C 232 19.65 1.63 32.69
N VAL C 233 20.31 0.84 31.85
CA VAL C 233 19.74 -0.43 31.42
C VAL C 233 20.03 -1.41 32.55
N PRO C 234 18.98 -1.74 33.32
CA PRO C 234 19.25 -2.45 34.54
C PRO C 234 19.73 -3.86 34.29
N GLU C 235 19.05 -4.61 33.41
CA GLU C 235 19.32 -6.03 33.26
C GLU C 235 20.54 -6.26 32.35
N THR C 236 21.63 -6.69 32.99
CA THR C 236 22.77 -7.21 32.28
C THR C 236 22.55 -8.70 31.99
N ILE C 237 23.00 -9.12 30.82
CA ILE C 237 23.17 -10.51 30.48
C ILE C 237 24.65 -10.70 30.38
N SER C 238 25.13 -11.89 30.70
CA SER C 238 26.54 -12.14 30.62
C SER C 238 26.91 -13.55 30.19
N THR C 239 27.97 -13.59 29.39
CA THR C 239 28.73 -14.79 29.10
C THR C 239 30.00 -14.87 29.98
N ARG C 240 30.17 -13.93 30.91
CA ARG C 240 31.28 -13.99 31.85
C ARG C 240 31.13 -15.27 32.65
N VAL C 241 32.26 -15.94 32.85
CA VAL C 241 32.34 -17.22 33.57
C VAL C 241 33.25 -17.04 34.78
N THR C 242 32.67 -16.62 35.91
CA THR C 242 33.45 -16.42 37.14
C THR C 242 33.86 -17.77 37.73
N LEU C 243 34.92 -17.71 38.53
CA LEU C 243 35.63 -18.87 39.07
C LEU C 243 35.77 -18.72 40.62
N ASN C 244 35.10 -19.62 41.36
CA ASN C 244 34.90 -19.45 42.82
C ASN C 244 36.24 -19.68 43.54
N LEU C 245 36.88 -18.56 43.95
CA LEU C 245 38.15 -18.59 44.71
C LEU C 245 38.16 -17.54 45.82
#